data_3ENV
#
_entry.id   3ENV
#
_cell.length_a   77.022
_cell.length_b   77.022
_cell.length_c   190.294
_cell.angle_alpha   90.000
_cell.angle_beta   90.000
_cell.angle_gamma   120.000
#
_symmetry.space_group_name_H-M   'H 3'
#
loop_
_entity.id
_entity.type
_entity.pdbx_description
1 polymer 'Ribose-5-phosphate isomerase A'
2 non-polymer 5-O-phosphono-beta-D-arabinofuranose
3 water water
#
_entity_poly.entity_id   1
_entity_poly.type   'polypeptide(L)'
_entity_poly.pdbx_seq_one_letter_code
;GSHMASMTGGQQMGRGSMTQDEMKKAAGWAALKYVEKGSIVGVGTGSTVNHFIDALGTMSEEIKGAVSSSVASTEKLEAL
GIKIFDCNEVASLDIYVDGADEINADREMIKGGGAALTREKIVAAIADKFICIVDGTKAVDVLGTFPLPVEVIPMARSYV
ARQLVKLGGDPCYREGVITDNGNVILDVYGMKITNPKQLEDQINAIPGVVTVGLFAHRGADVVITGTPEGAKIEE
;
_entity_poly.pdbx_strand_id   A,B
#
# COMPACT_ATOMS: atom_id res chain seq x y z
N THR A 19 29.96 2.87 12.59
CA THR A 19 31.27 2.68 13.31
C THR A 19 32.01 4.01 13.55
N GLN A 20 32.11 4.85 12.50
CA GLN A 20 32.70 6.20 12.67
C GLN A 20 32.32 7.25 11.58
N ASP A 21 32.37 8.53 11.91
CA ASP A 21 31.82 9.60 11.06
C ASP A 21 32.75 9.98 9.92
N GLU A 22 34.02 9.63 10.10
CA GLU A 22 34.95 9.53 8.99
C GLU A 22 34.72 8.26 8.09
N MET A 23 34.23 7.15 8.65
CA MET A 23 33.95 5.95 7.84
C MET A 23 32.80 6.19 6.89
N LYS A 24 31.75 6.82 7.42
CA LYS A 24 30.62 7.36 6.69
C LYS A 24 31.11 8.19 5.53
N LYS A 25 32.04 9.09 5.84
CA LYS A 25 32.48 10.13 4.90
C LYS A 25 33.40 9.58 3.81
N ALA A 26 34.29 8.67 4.18
CA ALA A 26 35.01 7.91 3.19
C ALA A 26 34.00 7.16 2.34
N ALA A 27 32.89 6.74 2.95
CA ALA A 27 31.94 5.87 2.22
C ALA A 27 31.08 6.59 1.23
N GLY A 28 30.56 7.75 1.63
CA GLY A 28 29.66 8.54 0.80
C GLY A 28 30.41 9.27 -0.29
N TRP A 29 31.65 9.65 -0.01
CA TRP A 29 32.56 10.15 -1.06
C TRP A 29 32.96 9.08 -2.10
N ALA A 30 32.93 7.81 -1.70
CA ALA A 30 33.46 6.79 -2.59
C ALA A 30 32.41 6.41 -3.69
N ALA A 31 31.14 6.53 -3.33
CA ALA A 31 30.02 6.48 -4.29
C ALA A 31 30.11 7.57 -5.39
N LEU A 32 30.85 8.65 -5.13
CA LEU A 32 30.89 9.81 -6.02
C LEU A 32 31.26 9.40 -7.48
N LYS A 33 32.07 8.36 -7.57
CA LYS A 33 32.56 7.80 -8.82
C LYS A 33 31.47 7.16 -9.70
N TYR A 34 30.23 7.11 -9.18
CA TYR A 34 29.10 6.41 -9.83
C TYR A 34 28.18 7.32 -10.67
N VAL A 35 28.36 8.61 -10.49
CA VAL A 35 27.59 9.63 -11.20
C VAL A 35 28.37 10.16 -12.41
N GLU A 36 27.62 10.58 -13.43
CA GLU A 36 28.17 11.06 -14.69
C GLU A 36 27.64 12.46 -15.09
N LYS A 37 28.03 12.91 -16.28
CA LYS A 37 27.70 14.23 -16.80
C LYS A 37 26.28 14.42 -17.39
N GLY A 38 25.71 15.60 -17.17
CA GLY A 38 24.38 15.96 -17.71
C GLY A 38 23.21 15.09 -17.23
N SER A 39 23.39 14.45 -16.08
CA SER A 39 22.40 13.51 -15.57
C SER A 39 21.76 13.88 -14.26
N ILE A 40 20.79 13.05 -13.88
CA ILE A 40 19.92 13.32 -12.74
C ILE A 40 20.09 12.26 -11.64
N VAL A 41 20.52 12.70 -10.46
CA VAL A 41 20.95 11.78 -9.40
C VAL A 41 19.88 11.51 -8.31
N GLY A 42 19.78 10.24 -7.92
CA GLY A 42 18.99 9.78 -6.81
C GLY A 42 19.74 9.95 -5.51
N VAL A 43 19.06 10.66 -4.62
CA VAL A 43 19.59 10.94 -3.31
C VAL A 43 18.70 10.52 -2.15
N GLY A 44 19.25 9.69 -1.27
CA GLY A 44 18.55 9.37 -0.04
C GLY A 44 18.86 10.37 1.06
N THR A 45 19.04 9.83 2.25
CA THR A 45 19.16 10.55 3.50
C THR A 45 19.94 9.67 4.48
N GLY A 46 20.55 10.28 5.50
CA GLY A 46 21.33 9.52 6.44
C GLY A 46 22.72 10.10 6.67
N SER A 47 23.34 9.71 7.79
CA SER A 47 24.64 10.30 8.19
C SER A 47 25.59 10.25 7.00
N THR A 48 25.44 9.17 6.26
CA THR A 48 26.46 8.68 5.39
C THR A 48 26.21 9.26 4.01
N VAL A 49 24.93 9.50 3.64
CA VAL A 49 24.59 10.24 2.37
C VAL A 49 24.93 11.72 2.43
N ASN A 50 24.88 12.29 3.62
CA ASN A 50 25.26 13.66 3.81
C ASN A 50 26.62 13.82 3.19
N HIS A 51 27.51 12.92 3.56
CA HIS A 51 28.88 13.06 3.12
C HIS A 51 28.94 12.91 1.61
N PHE A 52 27.95 12.23 1.04
CA PHE A 52 27.95 12.00 -0.39
C PHE A 52 27.36 13.26 -1.00
N ILE A 53 26.41 13.86 -0.29
CA ILE A 53 25.88 15.12 -0.74
C ILE A 53 26.98 16.14 -0.73
N ASP A 54 27.85 16.03 0.27
CA ASP A 54 29.07 16.81 0.38
C ASP A 54 30.00 16.59 -0.82
N ALA A 55 29.90 15.42 -1.45
CA ALA A 55 30.69 15.08 -2.66
C ALA A 55 30.07 15.58 -3.96
N LEU A 56 28.76 15.47 -4.02
CA LEU A 56 27.99 15.83 -5.18
C LEU A 56 28.09 17.27 -5.66
N GLY A 57 28.33 18.21 -4.74
CA GLY A 57 28.39 19.62 -5.02
C GLY A 57 29.51 20.03 -5.97
N THR A 58 30.69 19.46 -5.75
CA THR A 58 31.91 19.71 -6.51
C THR A 58 31.78 19.49 -8.02
N MET A 59 30.93 18.53 -8.39
CA MET A 59 30.58 18.24 -9.77
C MET A 59 29.07 18.41 -9.89
N SER A 60 28.63 19.65 -9.69
CA SER A 60 27.23 20.03 -9.72
C SER A 60 26.91 20.55 -11.10
N GLU A 61 27.91 21.23 -11.69
CA GLU A 61 27.79 21.84 -13.01
C GLU A 61 27.50 20.86 -14.12
N GLU A 62 27.87 19.59 -13.93
CA GLU A 62 27.68 18.55 -14.98
C GLU A 62 26.48 17.69 -14.74
N ILE A 63 25.76 18.00 -13.65
CA ILE A 63 24.64 17.20 -13.20
C ILE A 63 23.37 17.99 -13.49
N LYS A 64 22.47 17.38 -14.26
CA LYS A 64 21.19 18.00 -14.62
C LYS A 64 20.43 18.48 -13.37
N GLY A 65 20.70 17.78 -12.26
CA GLY A 65 20.09 17.99 -10.93
C GLY A 65 19.59 16.68 -10.30
N ALA A 66 18.84 16.76 -9.22
CA ALA A 66 18.62 15.57 -8.43
C ALA A 66 17.16 15.21 -8.09
N VAL A 67 16.93 13.93 -7.82
CA VAL A 67 15.71 13.46 -7.17
C VAL A 67 16.15 12.98 -5.80
N SER A 68 15.37 13.33 -4.78
CA SER A 68 15.61 12.76 -3.49
C SER A 68 14.30 12.41 -2.80
N SER A 69 14.48 11.67 -1.73
CA SER A 69 13.41 11.04 -1.03
C SER A 69 13.30 11.64 0.37
N SER A 70 14.00 12.74 0.59
CA SER A 70 14.20 13.31 1.92
C SER A 70 14.24 14.83 1.84
N VAL A 71 13.55 15.43 2.80
CA VAL A 71 13.48 16.86 3.08
C VAL A 71 14.85 17.52 3.27
N ALA A 72 15.73 16.85 4.05
CA ALA A 72 16.99 17.46 4.48
C ALA A 72 17.96 17.55 3.33
N SER A 73 17.99 16.48 2.53
CA SER A 73 18.84 16.34 1.36
C SER A 73 18.42 17.34 0.31
N THR A 74 17.11 17.43 0.13
CA THR A 74 16.50 18.29 -0.87
C THR A 74 17.05 19.66 -0.61
N GLU A 75 16.94 20.11 0.64
CA GLU A 75 17.22 21.47 1.00
C GLU A 75 18.72 21.82 0.96
N LYS A 76 19.55 20.77 1.07
CA LYS A 76 21.02 20.84 1.08
C LYS A 76 21.56 20.79 -0.34
N LEU A 77 20.86 20.05 -1.19
CA LEU A 77 21.12 20.05 -2.60
C LEU A 77 20.69 21.40 -3.22
N GLU A 78 19.51 21.91 -2.83
CA GLU A 78 19.06 23.26 -3.18
C GLU A 78 20.01 24.37 -2.82
N ALA A 79 20.66 24.31 -1.65
CA ALA A 79 21.56 25.45 -1.24
C ALA A 79 22.92 25.36 -1.93
N LEU A 80 23.00 24.36 -2.79
CA LEU A 80 24.20 23.95 -3.50
C LEU A 80 24.06 24.36 -4.98
N GLY A 81 22.86 24.81 -5.33
CA GLY A 81 22.46 25.10 -6.72
C GLY A 81 22.30 23.83 -7.53
N ILE A 82 21.68 22.82 -6.93
CA ILE A 82 21.44 21.59 -7.70
C ILE A 82 19.93 21.46 -8.00
N LYS A 83 19.55 21.66 -9.26
CA LYS A 83 18.16 21.59 -9.66
C LYS A 83 17.46 20.30 -9.12
N ILE A 84 16.37 20.48 -8.39
CA ILE A 84 15.59 19.34 -7.97
C ILE A 84 14.49 19.04 -8.97
N PHE A 85 14.24 17.75 -9.13
CA PHE A 85 13.14 17.26 -9.90
C PHE A 85 12.17 16.43 -9.05
N ASP A 86 10.96 16.29 -9.54
CA ASP A 86 10.11 15.26 -9.00
C ASP A 86 10.03 14.05 -9.94
N CYS A 87 9.78 12.91 -9.28
CA CYS A 87 9.48 11.61 -9.84
C CYS A 87 8.45 11.67 -10.92
N ASN A 88 7.46 12.56 -10.83
CA ASN A 88 6.53 12.65 -11.98
C ASN A 88 7.20 13.25 -13.28
N GLU A 89 8.33 13.98 -13.16
CA GLU A 89 9.10 14.53 -14.33
C GLU A 89 10.03 13.55 -15.11
N VAL A 90 10.26 12.33 -14.57
CA VAL A 90 11.37 11.44 -15.06
C VAL A 90 10.89 10.02 -15.40
N ALA A 91 11.61 9.27 -16.23
CA ALA A 91 11.19 7.87 -16.46
C ALA A 91 12.03 6.96 -15.66
N SER A 92 13.18 7.51 -15.29
CA SER A 92 14.26 6.76 -14.71
C SER A 92 15.27 7.68 -14.05
N LEU A 93 16.19 7.07 -13.28
CA LEU A 93 17.37 7.74 -12.69
C LEU A 93 18.50 6.76 -12.86
N ASP A 94 19.68 7.24 -13.24
CA ASP A 94 20.79 6.33 -13.39
C ASP A 94 21.01 5.64 -12.03
N ILE A 95 21.13 6.41 -10.96
CA ILE A 95 21.36 5.80 -9.63
C ILE A 95 20.61 6.35 -8.42
N TYR A 96 20.45 5.50 -7.42
CA TYR A 96 20.04 5.90 -6.09
C TYR A 96 21.07 5.53 -5.03
N VAL A 97 21.64 6.57 -4.39
CA VAL A 97 22.53 6.41 -3.23
C VAL A 97 21.77 6.67 -1.92
N ASP A 98 21.84 5.69 -1.03
CA ASP A 98 21.16 5.75 0.23
C ASP A 98 21.86 4.64 0.98
N GLY A 99 21.71 4.56 2.29
CA GLY A 99 22.07 3.39 3.03
C GLY A 99 20.86 2.55 3.45
N ALA A 100 21.01 1.87 4.57
CA ALA A 100 20.10 0.84 4.98
C ALA A 100 20.14 0.83 6.50
N ASP A 101 19.24 0.06 7.10
CA ASP A 101 19.28 -0.20 8.52
C ASP A 101 19.97 -1.52 8.68
N GLU A 102 19.59 -2.46 7.83
CA GLU A 102 20.22 -3.79 7.74
C GLU A 102 20.36 -4.18 6.30
N ILE A 103 21.34 -5.03 5.98
CA ILE A 103 21.54 -5.60 4.61
C ILE A 103 22.14 -7.03 4.69
N ASN A 104 21.71 -7.98 3.87
CA ASN A 104 22.18 -9.33 4.11
C ASN A 104 23.16 -9.73 3.02
N ALA A 105 23.65 -10.97 3.00
CA ALA A 105 24.58 -11.35 1.92
C ALA A 105 23.88 -11.30 0.57
N ASP A 106 22.55 -11.44 0.60
CA ASP A 106 21.80 -11.39 -0.66
C ASP A 106 21.44 -9.99 -1.10
N ARG A 107 21.84 -9.03 -0.27
CA ARG A 107 21.88 -7.62 -0.70
C ARG A 107 20.50 -7.05 -0.52
N GLU A 108 19.71 -7.78 0.25
CA GLU A 108 18.44 -7.34 0.77
C GLU A 108 18.57 -6.54 2.06
N MET A 109 17.66 -5.56 2.26
CA MET A 109 17.87 -4.47 3.25
C MET A 109 16.62 -4.28 4.07
N ILE A 110 16.76 -3.92 5.34
CA ILE A 110 15.64 -3.33 6.08
C ILE A 110 15.92 -1.83 6.00
N LYS A 111 14.96 -1.08 5.44
CA LYS A 111 14.97 0.40 5.32
C LYS A 111 13.74 1.19 5.83
N GLY A 112 13.98 2.41 6.36
CA GLY A 112 12.92 3.30 6.78
C GLY A 112 12.52 3.25 8.25
N GLY A 113 13.41 2.73 9.11
CA GLY A 113 13.28 2.95 10.56
C GLY A 113 13.54 4.42 10.86
N GLY A 114 14.33 5.03 9.97
CA GLY A 114 14.85 6.32 10.26
C GLY A 114 14.48 7.42 9.30
N ALA A 115 13.89 7.07 8.19
CA ALA A 115 13.72 8.03 7.12
C ALA A 115 12.34 7.87 6.48
N ALA A 116 12.10 8.51 5.36
CA ALA A 116 10.75 8.44 4.79
C ALA A 116 10.56 7.18 3.94
N LEU A 117 10.06 6.11 4.57
CA LEU A 117 9.96 4.78 3.95
C LEU A 117 9.41 4.78 2.53
N THR A 118 8.28 5.46 2.36
CA THR A 118 7.55 5.46 1.10
C THR A 118 8.29 6.14 -0.01
N ARG A 119 8.80 7.37 0.20
CA ARG A 119 9.63 7.99 -0.88
C ARG A 119 10.93 7.21 -1.20
N GLU A 120 11.61 6.65 -0.21
CA GLU A 120 12.80 5.82 -0.50
C GLU A 120 12.42 4.64 -1.41
N LYS A 121 11.35 3.94 -1.02
CA LYS A 121 11.03 2.73 -1.76
C LYS A 121 10.63 3.11 -3.15
N ILE A 122 10.04 4.30 -3.27
CA ILE A 122 9.58 4.78 -4.61
C ILE A 122 10.75 5.26 -5.47
N VAL A 123 11.71 5.94 -4.87
CA VAL A 123 12.84 6.55 -5.66
C VAL A 123 13.79 5.41 -6.13
N ALA A 124 14.06 4.48 -5.20
CA ALA A 124 14.67 3.17 -5.50
C ALA A 124 14.03 2.30 -6.65
N ALA A 125 12.71 2.45 -6.86
CA ALA A 125 12.06 1.72 -7.88
C ALA A 125 12.24 2.36 -9.28
N ILE A 126 12.41 3.67 -9.32
CA ILE A 126 12.65 4.35 -10.60
C ILE A 126 14.11 4.29 -10.99
N ALA A 127 14.98 4.18 -10.01
CA ALA A 127 16.45 4.10 -10.21
C ALA A 127 17.01 2.75 -10.71
N ASP A 128 17.91 2.77 -11.68
CA ASP A 128 18.39 1.49 -12.24
C ASP A 128 19.31 0.75 -11.26
N LYS A 129 20.11 1.54 -10.53
CA LYS A 129 21.20 1.03 -9.74
C LYS A 129 21.12 1.63 -8.37
N PHE A 130 21.03 0.78 -7.38
CA PHE A 130 20.92 1.20 -5.99
C PHE A 130 22.30 0.97 -5.36
N ILE A 131 22.78 2.01 -4.68
CA ILE A 131 24.11 2.04 -4.09
C ILE A 131 24.00 2.27 -2.57
N CYS A 132 24.08 1.17 -1.85
CA CYS A 132 23.96 1.20 -0.41
C CYS A 132 25.28 1.60 0.28
N ILE A 133 25.23 2.69 1.00
CA ILE A 133 26.44 3.23 1.62
C ILE A 133 26.26 3.06 3.12
N VAL A 134 27.22 2.40 3.76
CA VAL A 134 26.99 1.81 5.03
C VAL A 134 28.25 1.74 5.95
N ASP A 135 28.02 1.64 7.24
CA ASP A 135 29.11 1.42 8.18
C ASP A 135 29.09 -0.01 8.71
N GLY A 136 30.15 -0.35 9.45
CA GLY A 136 30.36 -1.69 10.00
C GLY A 136 29.11 -2.30 10.60
N THR A 137 28.17 -1.44 11.02
CA THR A 137 27.02 -1.93 11.76
C THR A 137 25.97 -2.51 10.82
N LYS A 138 26.10 -2.37 9.51
CA LYS A 138 24.91 -2.82 8.70
C LYS A 138 24.76 -4.26 8.13
N ALA A 139 25.86 -4.98 8.02
CA ALA A 139 25.83 -6.31 7.45
C ALA A 139 25.28 -7.26 8.49
N VAL A 140 24.19 -7.94 8.17
CA VAL A 140 23.73 -9.01 9.03
C VAL A 140 23.74 -10.25 8.15
N ASP A 141 23.36 -11.39 8.69
CA ASP A 141 23.16 -12.51 7.84
C ASP A 141 21.65 -12.66 7.77
N VAL A 142 21.01 -12.65 8.93
CA VAL A 142 19.56 -12.77 8.88
C VAL A 142 18.88 -11.45 9.30
N LEU A 143 18.09 -10.89 8.38
CA LEU A 143 17.41 -9.65 8.70
C LEU A 143 16.38 -9.83 9.78
N GLY A 144 16.19 -8.78 10.60
CA GLY A 144 15.08 -8.73 11.51
C GLY A 144 15.31 -8.25 12.94
N THR A 145 16.56 -7.97 13.27
CA THR A 145 16.92 -7.55 14.64
C THR A 145 16.50 -6.10 14.75
N PHE A 146 17.04 -5.28 13.87
CA PHE A 146 16.55 -3.93 13.74
C PHE A 146 15.10 -3.98 13.27
N PRO A 147 14.17 -3.27 14.00
CA PRO A 147 12.69 -3.34 13.81
C PRO A 147 12.28 -3.09 12.37
N LEU A 148 11.24 -3.76 11.95
CA LEU A 148 10.88 -3.66 10.56
C LEU A 148 9.75 -2.66 10.44
N PRO A 149 10.00 -1.52 9.76
CA PRO A 149 8.87 -0.60 9.54
C PRO A 149 7.86 -1.04 8.46
N VAL A 150 6.58 -0.84 8.79
CA VAL A 150 5.44 -1.06 7.93
C VAL A 150 4.54 0.23 8.06
N GLU A 151 4.15 0.81 6.94
CA GLU A 151 3.39 2.07 7.04
C GLU A 151 1.97 1.68 6.83
N VAL A 152 1.07 2.25 7.63
CA VAL A 152 -0.28 1.61 7.76
C VAL A 152 -1.29 2.71 7.83
N ILE A 153 -2.41 2.52 7.10
CA ILE A 153 -3.50 3.47 7.10
C ILE A 153 -4.04 3.40 8.52
N PRO A 154 -4.30 4.55 9.17
CA PRO A 154 -4.59 4.40 10.64
C PRO A 154 -5.81 3.54 10.99
N MET A 155 -6.82 3.48 10.13
CA MET A 155 -8.08 2.81 10.54
C MET A 155 -7.86 1.32 10.61
N ALA A 156 -6.73 0.90 10.04
CA ALA A 156 -6.30 -0.47 9.97
C ALA A 156 -5.19 -0.87 10.98
N ARG A 157 -4.87 -0.04 11.96
CA ARG A 157 -3.61 -0.28 12.61
C ARG A 157 -3.60 -1.58 13.42
N SER A 158 -4.71 -1.91 14.07
CA SER A 158 -4.73 -3.11 14.91
C SER A 158 -4.92 -4.37 14.10
N TYR A 159 -5.58 -4.18 12.93
CA TYR A 159 -5.80 -5.27 12.01
C TYR A 159 -4.42 -5.69 11.58
N VAL A 160 -3.73 -4.78 10.89
CA VAL A 160 -2.48 -5.14 10.24
C VAL A 160 -1.63 -5.71 11.36
N ALA A 161 -1.74 -5.13 12.57
CA ALA A 161 -0.96 -5.69 13.67
C ALA A 161 -1.29 -7.11 14.07
N ARG A 162 -2.53 -7.55 13.94
CA ARG A 162 -2.87 -8.94 14.28
C ARG A 162 -2.28 -9.88 13.26
N GLN A 163 -2.22 -9.42 12.02
CA GLN A 163 -1.68 -10.21 10.90
C GLN A 163 -0.16 -10.39 11.03
N LEU A 164 0.52 -9.32 11.45
CA LEU A 164 1.96 -9.28 11.83
C LEU A 164 2.42 -10.24 12.92
N VAL A 165 1.57 -10.48 13.91
CA VAL A 165 1.77 -11.44 14.98
C VAL A 165 1.79 -12.81 14.34
N LYS A 166 0.77 -13.12 13.53
CA LYS A 166 0.61 -14.47 12.93
C LYS A 166 1.92 -14.79 12.27
N LEU A 167 2.51 -13.78 11.63
CA LEU A 167 3.71 -14.04 10.89
C LEU A 167 5.01 -14.14 11.77
N GLY A 168 4.83 -14.30 13.08
CA GLY A 168 5.93 -14.43 14.10
C GLY A 168 6.54 -13.09 14.50
N GLY A 169 5.72 -12.03 14.38
CA GLY A 169 6.09 -10.61 14.53
C GLY A 169 5.58 -9.97 15.83
N ASP A 170 6.35 -9.05 16.39
CA ASP A 170 5.86 -8.19 17.52
C ASP A 170 5.94 -6.72 17.11
N PRO A 171 4.80 -6.23 16.56
CA PRO A 171 4.70 -4.90 15.94
C PRO A 171 4.47 -3.91 17.07
N CYS A 172 4.95 -2.69 16.92
CA CYS A 172 4.95 -1.70 17.99
C CYS A 172 4.71 -0.40 17.29
N TYR A 173 3.53 0.15 17.54
CA TYR A 173 3.15 1.48 17.05
C TYR A 173 4.14 2.55 17.56
N ARG A 174 4.71 3.29 16.61
CA ARG A 174 5.56 4.40 16.85
C ARG A 174 4.67 5.59 17.21
N GLU A 175 4.33 5.72 18.48
CA GLU A 175 3.29 6.63 18.94
C GLU A 175 3.79 8.09 18.93
N GLY A 176 2.92 9.08 18.71
CA GLY A 176 3.29 10.54 18.71
C GLY A 176 3.66 11.19 17.39
N VAL A 177 3.74 10.34 16.36
CA VAL A 177 4.08 10.78 14.99
C VAL A 177 3.28 10.05 13.89
N ILE A 178 3.49 10.53 12.66
CA ILE A 178 2.83 10.08 11.40
C ILE A 178 3.74 10.50 10.22
N THR A 179 3.47 9.95 9.06
CA THR A 179 4.19 10.26 7.85
C THR A 179 3.64 11.56 7.20
N ASP A 180 4.20 12.08 6.11
CA ASP A 180 3.66 13.35 5.54
C ASP A 180 2.16 13.28 5.14
N ASN A 181 1.69 12.07 4.81
CA ASN A 181 0.33 11.81 4.36
C ASN A 181 -0.69 11.45 5.44
N GLY A 182 -0.27 11.42 6.71
CA GLY A 182 -1.23 11.05 7.77
C GLY A 182 -1.31 9.59 8.24
N ASN A 183 -0.37 8.74 7.83
CA ASN A 183 -0.39 7.34 8.29
C ASN A 183 0.51 7.10 9.50
N VAL A 184 0.29 5.97 10.18
CA VAL A 184 1.07 5.56 11.36
C VAL A 184 2.22 4.60 11.04
N ILE A 185 3.14 4.41 11.99
CA ILE A 185 4.16 3.39 11.79
C ILE A 185 4.15 2.19 12.73
N LEU A 186 4.21 1.01 12.18
CA LEU A 186 4.40 -0.16 13.02
C LEU A 186 5.80 -0.75 12.86
N ASP A 187 6.57 -0.72 13.96
CA ASP A 187 7.94 -1.27 13.98
C ASP A 187 7.90 -2.68 14.56
N VAL A 188 8.20 -3.68 13.72
CA VAL A 188 8.02 -5.09 14.10
C VAL A 188 9.31 -5.78 14.59
N TYR A 189 9.28 -6.21 15.83
CA TYR A 189 10.42 -6.88 16.45
C TYR A 189 10.24 -8.42 16.57
N GLY A 190 11.23 -9.15 17.10
CA GLY A 190 11.17 -10.63 17.18
C GLY A 190 11.17 -11.55 15.94
N MET A 191 11.40 -11.00 14.72
CA MET A 191 11.33 -11.77 13.44
C MET A 191 12.69 -12.37 12.93
N LYS A 192 12.66 -13.54 12.27
CA LYS A 192 13.91 -14.14 11.78
C LYS A 192 13.79 -14.19 10.30
N ILE A 193 14.27 -13.16 9.64
CA ILE A 193 13.82 -13.00 8.24
C ILE A 193 14.77 -13.61 7.22
N THR A 194 14.55 -14.89 6.94
CA THR A 194 15.37 -15.67 5.98
C THR A 194 14.77 -15.76 4.57
N ASN A 195 13.47 -15.64 4.44
CA ASN A 195 12.95 -15.36 3.09
C ASN A 195 12.34 -13.97 3.11
N PRO A 196 13.16 -12.95 2.77
CA PRO A 196 12.64 -11.59 2.64
C PRO A 196 11.61 -11.36 1.52
N LYS A 197 11.95 -11.69 0.27
CA LYS A 197 11.01 -11.52 -0.82
C LYS A 197 9.63 -12.12 -0.46
N GLN A 198 9.62 -13.28 0.21
CA GLN A 198 8.37 -13.94 0.67
C GLN A 198 7.59 -13.02 1.64
N LEU A 199 8.30 -12.42 2.59
CA LEU A 199 7.60 -11.75 3.71
C LEU A 199 7.14 -10.42 3.18
N GLU A 200 7.90 -9.89 2.25
CA GLU A 200 7.53 -8.67 1.59
C GLU A 200 6.25 -8.92 0.83
N ASP A 201 6.25 -9.98 0.00
CA ASP A 201 5.07 -10.49 -0.69
C ASP A 201 3.88 -10.50 0.26
N GLN A 202 3.99 -11.29 1.28
CA GLN A 202 3.02 -11.40 2.34
C GLN A 202 2.64 -10.05 2.96
N ILE A 203 3.62 -9.20 3.22
CA ILE A 203 3.27 -7.95 3.87
C ILE A 203 2.56 -6.99 2.90
N ASN A 204 3.00 -6.92 1.64
CA ASN A 204 2.43 -5.97 0.66
C ASN A 204 0.94 -6.36 0.42
N ALA A 205 0.45 -7.27 1.24
CA ALA A 205 -0.70 -8.10 0.86
C ALA A 205 -1.78 -8.05 1.91
N ILE A 206 -1.42 -7.61 3.11
CA ILE A 206 -2.41 -7.12 4.06
C ILE A 206 -3.04 -5.75 3.64
N PRO A 207 -4.39 -5.70 3.55
CA PRO A 207 -5.08 -4.44 3.28
C PRO A 207 -4.85 -3.51 4.47
N GLY A 208 -4.70 -2.21 4.20
CA GLY A 208 -4.23 -1.31 5.28
C GLY A 208 -2.69 -1.10 5.35
N VAL A 209 -1.90 -2.12 5.04
CA VAL A 209 -0.45 -1.84 4.72
C VAL A 209 -0.35 -0.82 3.56
N VAL A 210 0.59 0.14 3.67
CA VAL A 210 0.86 1.12 2.61
C VAL A 210 2.18 0.69 1.97
N THR A 211 3.24 0.58 2.77
CA THR A 211 4.51 0.11 2.27
C THR A 211 5.18 -0.81 3.35
N VAL A 212 6.20 -1.59 3.00
CA VAL A 212 6.96 -2.32 4.03
C VAL A 212 8.45 -2.05 3.83
N GLY A 213 9.16 -1.77 4.94
CA GLY A 213 10.62 -1.65 4.98
C GLY A 213 11.48 -2.85 4.58
N LEU A 214 10.99 -3.59 3.60
CA LEU A 214 11.78 -4.64 2.97
C LEU A 214 12.02 -4.30 1.51
N PHE A 215 13.28 -4.09 1.20
CA PHE A 215 13.73 -3.86 -0.15
C PHE A 215 14.35 -5.25 -0.54
N ALA A 216 13.51 -6.15 -1.05
CA ALA A 216 13.93 -7.57 -1.22
C ALA A 216 13.81 -7.96 -2.64
N HIS A 217 12.65 -7.68 -3.23
CA HIS A 217 12.49 -7.67 -4.70
C HIS A 217 13.48 -6.73 -5.41
N ARG A 218 13.64 -5.52 -4.86
CA ARG A 218 14.60 -4.52 -5.41
C ARG A 218 15.62 -4.24 -4.33
N GLY A 219 16.86 -4.69 -4.53
CA GLY A 219 17.88 -4.54 -3.47
C GLY A 219 19.02 -3.60 -3.78
N ALA A 220 20.03 -3.58 -2.91
CA ALA A 220 21.26 -2.84 -3.22
C ALA A 220 22.03 -3.52 -4.35
N ASP A 221 22.29 -2.78 -5.44
CA ASP A 221 23.20 -3.28 -6.50
C ASP A 221 24.69 -3.26 -6.08
N VAL A 222 25.15 -2.07 -5.64
CA VAL A 222 26.49 -1.82 -5.07
C VAL A 222 26.36 -1.63 -3.53
N VAL A 223 27.35 -2.17 -2.78
CA VAL A 223 27.34 -2.07 -1.33
C VAL A 223 28.63 -1.32 -0.83
N ILE A 224 28.46 -0.09 -0.33
CA ILE A 224 29.60 0.73 0.10
C ILE A 224 29.71 0.93 1.61
N THR A 225 30.70 0.23 2.18
CA THR A 225 30.86 0.22 3.63
C THR A 225 31.94 1.21 4.02
N GLY A 226 32.14 1.28 5.33
CA GLY A 226 33.18 2.12 5.90
C GLY A 226 34.13 1.18 6.57
N THR A 227 35.40 1.31 6.16
CA THR A 227 36.53 0.67 6.83
C THR A 227 37.43 1.79 7.38
N PRO A 228 38.54 1.42 8.05
CA PRO A 228 39.60 2.29 8.56
C PRO A 228 40.35 3.16 7.54
N GLU A 229 40.42 2.71 6.29
CA GLU A 229 41.13 3.46 5.26
C GLU A 229 40.53 3.20 3.87
N GLY A 230 39.82 4.21 3.35
CA GLY A 230 38.98 4.06 2.19
C GLY A 230 37.72 3.31 2.61
N ALA A 231 36.98 2.86 1.61
CA ALA A 231 35.76 2.13 1.89
C ALA A 231 35.78 0.89 1.04
N LYS A 232 35.38 -0.24 1.61
CA LYS A 232 35.17 -1.40 0.76
C LYS A 232 33.93 -1.15 -0.06
N ILE A 233 34.05 -1.53 -1.33
CA ILE A 233 33.03 -1.37 -2.34
C ILE A 233 33.00 -2.72 -3.04
N GLU A 234 31.84 -3.04 -3.64
CA GLU A 234 31.50 -4.41 -4.07
C GLU A 234 30.49 -4.33 -5.22
N GLU A 235 31.02 -4.21 -6.45
CA GLU A 235 30.21 -4.04 -7.68
C GLU A 235 29.89 -5.38 -8.39
N THR B 19 -29.60 -2.93 -13.87
CA THR B 19 -30.85 -3.75 -13.87
C THR B 19 -31.90 -2.81 -13.38
N GLN B 20 -32.60 -3.25 -12.33
CA GLN B 20 -33.63 -2.49 -11.71
C GLN B 20 -33.46 -2.43 -10.19
N ASP B 21 -34.15 -1.50 -9.56
CA ASP B 21 -33.94 -1.20 -8.16
C ASP B 21 -34.83 -2.12 -7.32
N GLU B 22 -35.82 -2.75 -7.98
CA GLU B 22 -36.66 -3.74 -7.34
C GLU B 22 -35.81 -5.01 -7.18
N MET B 23 -34.80 -5.18 -8.05
CA MET B 23 -33.87 -6.31 -7.95
C MET B 23 -32.77 -6.11 -6.87
N LYS B 24 -32.25 -4.87 -6.83
CA LYS B 24 -31.37 -4.38 -5.80
C LYS B 24 -32.06 -4.54 -4.49
N LYS B 25 -33.37 -4.29 -4.48
CA LYS B 25 -34.11 -4.26 -3.22
C LYS B 25 -34.06 -5.59 -2.66
N ALA B 26 -34.58 -6.56 -3.39
CA ALA B 26 -34.70 -7.93 -2.90
C ALA B 26 -33.40 -8.44 -2.14
N ALA B 27 -32.30 -8.42 -2.87
CA ALA B 27 -31.03 -8.94 -2.47
C ALA B 27 -30.54 -8.24 -1.25
N GLY B 28 -30.92 -6.97 -1.10
CA GLY B 28 -30.50 -6.21 0.07
C GLY B 28 -31.21 -6.77 1.27
N TRP B 29 -32.51 -6.97 1.07
CA TRP B 29 -33.42 -7.51 2.12
C TRP B 29 -33.08 -8.94 2.60
N ALA B 30 -32.54 -9.72 1.68
CA ALA B 30 -32.09 -11.11 1.86
C ALA B 30 -30.82 -11.24 2.68
N ALA B 31 -30.02 -10.18 2.74
CA ALA B 31 -28.80 -10.13 3.55
C ALA B 31 -29.08 -10.01 5.04
N LEU B 32 -30.35 -9.92 5.43
CA LEU B 32 -30.67 -9.64 6.84
C LEU B 32 -30.76 -10.97 7.62
N LYS B 33 -31.03 -12.04 6.88
CA LYS B 33 -30.92 -13.44 7.35
C LYS B 33 -29.59 -13.77 8.06
N TYR B 34 -28.48 -13.33 7.46
CA TYR B 34 -27.11 -13.61 7.89
C TYR B 34 -26.70 -12.78 9.08
N VAL B 35 -27.59 -11.93 9.61
CA VAL B 35 -27.25 -10.96 10.64
C VAL B 35 -27.60 -11.52 12.00
N GLU B 36 -26.55 -11.70 12.76
CA GLU B 36 -26.63 -12.39 14.05
C GLU B 36 -27.17 -11.43 15.13
N LYS B 37 -28.21 -11.90 15.79
CA LYS B 37 -28.80 -11.20 16.88
C LYS B 37 -27.73 -10.72 17.86
N GLY B 38 -27.61 -9.41 17.96
CA GLY B 38 -26.82 -8.77 18.99
C GLY B 38 -25.38 -8.50 18.64
N SER B 39 -25.08 -8.33 17.35
CA SER B 39 -23.71 -8.03 16.85
C SER B 39 -23.50 -6.66 16.17
N ILE B 40 -22.23 -6.35 15.89
CA ILE B 40 -21.85 -5.16 15.13
C ILE B 40 -21.74 -5.62 13.69
N VAL B 41 -22.39 -4.87 12.78
CA VAL B 41 -22.55 -5.25 11.37
C VAL B 41 -21.65 -4.40 10.44
N GLY B 42 -20.89 -5.08 9.61
CA GLY B 42 -20.10 -4.48 8.53
C GLY B 42 -20.96 -4.11 7.36
N VAL B 43 -20.93 -2.83 6.95
CA VAL B 43 -21.85 -2.32 5.93
C VAL B 43 -21.10 -1.50 4.85
N GLY B 44 -21.13 -1.94 3.59
CA GLY B 44 -20.42 -1.22 2.50
C GLY B 44 -21.17 0.00 1.98
N THR B 45 -21.01 0.37 0.73
CA THR B 45 -21.80 1.46 0.23
C THR B 45 -22.65 1.04 -0.97
N GLY B 46 -23.69 1.80 -1.25
CA GLY B 46 -24.26 1.81 -2.60
C GLY B 46 -25.78 1.61 -2.66
N SER B 47 -26.34 1.69 -3.85
CA SER B 47 -27.80 1.49 -4.00
C SER B 47 -28.35 0.14 -3.43
N THR B 48 -27.63 -0.96 -3.61
CA THR B 48 -28.17 -2.26 -3.14
C THR B 48 -28.01 -2.31 -1.61
N VAL B 49 -26.91 -1.70 -1.19
CA VAL B 49 -26.56 -1.58 0.18
C VAL B 49 -27.55 -0.78 1.02
N ASN B 50 -28.09 0.31 0.43
CA ASN B 50 -29.08 1.20 1.06
C ASN B 50 -30.38 0.44 1.42
N HIS B 51 -30.68 -0.60 0.63
CA HIS B 51 -31.87 -1.46 0.85
C HIS B 51 -31.66 -2.39 2.02
N PHE B 52 -30.44 -2.89 2.15
CA PHE B 52 -30.03 -3.64 3.33
C PHE B 52 -30.12 -2.78 4.60
N ILE B 53 -29.78 -1.51 4.48
CA ILE B 53 -29.75 -0.63 5.63
C ILE B 53 -31.18 -0.48 6.16
N ASP B 54 -32.14 -0.35 5.27
CA ASP B 54 -33.56 -0.40 5.63
C ASP B 54 -33.98 -1.62 6.43
N ALA B 55 -33.44 -2.77 6.01
CA ALA B 55 -33.64 -4.03 6.67
C ALA B 55 -33.12 -3.98 8.13
N LEU B 56 -31.90 -3.48 8.29
CA LEU B 56 -31.25 -3.31 9.58
C LEU B 56 -31.97 -2.36 10.50
N GLY B 57 -32.52 -1.29 9.93
CA GLY B 57 -33.39 -0.38 10.65
C GLY B 57 -34.57 -1.12 11.27
N THR B 58 -34.85 -2.29 10.78
CA THR B 58 -35.89 -3.11 11.40
C THR B 58 -35.26 -3.92 12.53
N MET B 59 -33.96 -3.70 12.74
CA MET B 59 -33.18 -4.45 13.74
C MET B 59 -32.27 -3.58 14.63
N SER B 60 -32.55 -2.29 14.70
CA SER B 60 -31.72 -1.34 15.49
C SER B 60 -31.54 -1.71 16.97
N GLU B 61 -32.57 -2.23 17.60
CA GLU B 61 -32.49 -2.65 19.03
C GLU B 61 -31.85 -4.03 19.24
N GLU B 62 -31.96 -4.92 18.26
CA GLU B 62 -31.37 -6.26 18.39
C GLU B 62 -30.01 -6.49 17.75
N ILE B 63 -29.15 -5.46 17.80
CA ILE B 63 -27.71 -5.52 17.44
C ILE B 63 -26.86 -4.63 18.35
N LYS B 64 -25.53 -4.72 18.25
CA LYS B 64 -24.64 -3.89 19.08
C LYS B 64 -24.32 -2.59 18.37
N GLY B 65 -23.73 -2.70 17.19
CA GLY B 65 -23.63 -1.55 16.34
C GLY B 65 -23.36 -1.88 14.88
N ALA B 66 -22.53 -1.05 14.25
CA ALA B 66 -22.31 -1.17 12.86
C ALA B 66 -21.00 -0.51 12.50
N VAL B 67 -20.24 -1.11 11.58
CA VAL B 67 -19.03 -0.41 11.09
C VAL B 67 -19.18 -0.21 9.64
N SER B 68 -18.76 0.96 9.14
CA SER B 68 -19.02 1.34 7.80
C SER B 68 -17.81 1.83 7.04
N SER B 69 -17.81 1.50 5.76
CA SER B 69 -16.73 1.88 4.88
C SER B 69 -17.30 3.04 4.03
N SER B 70 -18.50 3.49 4.41
CA SER B 70 -19.06 4.63 3.72
C SER B 70 -19.50 5.88 4.48
N VAL B 71 -19.18 7.04 3.89
CA VAL B 71 -19.62 8.34 4.42
C VAL B 71 -21.15 8.36 4.44
N ALA B 72 -21.81 8.11 3.33
CA ALA B 72 -23.29 8.10 3.34
C ALA B 72 -23.94 7.00 4.22
N SER B 73 -23.40 5.79 4.16
CA SER B 73 -23.84 4.66 5.00
C SER B 73 -23.77 4.99 6.53
N THR B 74 -22.72 5.67 6.96
CA THR B 74 -22.60 6.04 8.38
C THR B 74 -23.74 6.94 8.83
N GLU B 75 -24.23 7.77 7.89
CA GLU B 75 -25.21 8.81 8.17
C GLU B 75 -26.62 8.27 8.30
N LYS B 76 -26.85 7.16 7.60
CA LYS B 76 -28.11 6.47 7.49
C LYS B 76 -28.22 5.57 8.68
N LEU B 77 -27.15 4.82 8.96
CA LEU B 77 -27.07 4.07 10.22
C LEU B 77 -27.40 4.99 11.44
N GLU B 78 -26.85 6.20 11.44
CA GLU B 78 -27.27 7.22 12.41
C GLU B 78 -28.64 7.89 12.10
N ALA B 79 -29.36 7.40 11.10
CA ALA B 79 -30.77 7.76 10.87
C ALA B 79 -31.76 6.77 11.56
N LEU B 80 -31.21 5.66 12.02
CA LEU B 80 -32.02 4.56 12.60
C LEU B 80 -31.53 4.33 14.04
N GLY B 81 -30.48 5.02 14.39
CA GLY B 81 -29.98 5.02 15.78
C GLY B 81 -29.01 3.90 16.04
N ILE B 82 -28.29 3.52 15.01
CA ILE B 82 -27.33 2.47 15.17
C ILE B 82 -25.92 2.97 15.57
N LYS B 83 -25.40 2.49 16.72
CA LYS B 83 -24.02 2.80 17.15
C LYS B 83 -22.98 2.36 16.09
N ILE B 84 -22.18 3.33 15.66
CA ILE B 84 -21.10 3.12 14.77
C ILE B 84 -19.90 2.79 15.66
N PHE B 85 -19.09 1.81 15.26
CA PHE B 85 -17.71 1.68 15.73
C PHE B 85 -16.69 1.93 14.56
N ASP B 86 -15.43 2.25 14.89
CA ASP B 86 -14.34 2.30 13.89
C ASP B 86 -13.57 0.96 14.03
N CYS B 87 -12.79 0.58 13.01
CA CYS B 87 -12.04 -0.71 12.95
C CYS B 87 -11.07 -1.03 14.10
N ASN B 88 -10.53 0.01 14.69
CA ASN B 88 -9.60 -0.17 15.78
C ASN B 88 -10.32 -0.50 17.11
N GLU B 89 -11.65 -0.78 17.05
CA GLU B 89 -12.54 -0.88 18.26
C GLU B 89 -13.06 -2.29 18.49
N VAL B 90 -12.94 -3.13 17.46
CA VAL B 90 -13.40 -4.53 17.42
C VAL B 90 -12.30 -5.47 16.91
N ALA B 91 -12.20 -6.67 17.49
CA ALA B 91 -11.22 -7.68 17.04
C ALA B 91 -11.73 -8.44 15.80
N SER B 92 -12.99 -8.24 15.45
CA SER B 92 -13.59 -8.92 14.30
C SER B 92 -14.98 -8.41 13.93
N LEU B 93 -15.38 -8.67 12.68
CA LEU B 93 -16.80 -8.58 12.34
C LEU B 93 -17.29 -9.95 11.98
N ASP B 94 -18.57 -10.18 12.15
CA ASP B 94 -19.18 -11.41 11.70
C ASP B 94 -19.36 -11.35 10.20
N ILE B 95 -19.90 -10.23 9.72
CA ILE B 95 -20.26 -10.16 8.33
C ILE B 95 -19.99 -8.73 7.81
N TYR B 96 -19.69 -8.60 6.54
CA TYR B 96 -19.62 -7.29 5.89
C TYR B 96 -20.38 -7.34 4.55
N VAL B 97 -21.39 -6.48 4.44
CA VAL B 97 -22.35 -6.50 3.34
C VAL B 97 -22.08 -5.31 2.48
N ASP B 98 -21.91 -5.60 1.20
CA ASP B 98 -21.50 -4.62 0.25
C ASP B 98 -21.85 -5.17 -1.14
N GLY B 99 -21.98 -4.29 -2.13
CA GLY B 99 -22.05 -4.64 -3.53
C GLY B 99 -20.68 -4.93 -4.13
N ALA B 100 -20.62 -5.00 -5.45
CA ALA B 100 -19.30 -5.09 -6.15
C ALA B 100 -19.42 -4.31 -7.42
N ASP B 101 -18.32 -3.97 -8.08
CA ASP B 101 -18.41 -3.47 -9.38
C ASP B 101 -18.49 -4.59 -10.45
N GLU B 102 -17.55 -5.53 -10.42
CA GLU B 102 -17.68 -6.74 -11.25
C GLU B 102 -17.40 -7.96 -10.34
N ILE B 103 -18.07 -9.07 -10.57
CA ILE B 103 -17.81 -10.30 -9.78
C ILE B 103 -17.73 -11.52 -10.72
N ASN B 104 -16.76 -12.42 -10.49
CA ASN B 104 -16.61 -13.55 -11.35
C ASN B 104 -17.24 -14.74 -10.71
N ALA B 105 -17.35 -15.84 -11.48
CA ALA B 105 -17.74 -17.15 -10.99
C ALA B 105 -16.94 -17.58 -9.77
N ASP B 106 -15.68 -17.12 -9.67
CA ASP B 106 -14.87 -17.43 -8.49
C ASP B 106 -15.12 -16.52 -7.29
N ARG B 107 -16.16 -15.68 -7.39
CA ARG B 107 -16.54 -14.79 -6.33
C ARG B 107 -15.40 -13.77 -5.97
N GLU B 108 -14.51 -13.53 -6.91
CA GLU B 108 -13.52 -12.45 -6.78
C GLU B 108 -14.13 -11.21 -7.42
N MET B 109 -13.84 -10.04 -6.89
CA MET B 109 -14.56 -8.83 -7.25
C MET B 109 -13.60 -7.76 -7.70
N ILE B 110 -14.11 -6.85 -8.53
CA ILE B 110 -13.47 -5.56 -8.75
C ILE B 110 -14.39 -4.61 -8.01
N LYS B 111 -13.82 -3.94 -7.02
CA LYS B 111 -14.58 -3.02 -6.22
C LYS B 111 -13.84 -1.73 -6.19
N GLY B 112 -14.49 -0.71 -5.62
CA GLY B 112 -13.89 0.55 -5.32
C GLY B 112 -13.90 1.53 -6.48
N GLY B 113 -14.64 1.24 -7.55
CA GLY B 113 -14.81 2.17 -8.71
C GLY B 113 -15.52 3.48 -8.44
N GLY B 114 -16.55 3.40 -7.59
CA GLY B 114 -17.25 4.60 -7.09
C GLY B 114 -17.45 4.62 -5.56
N ALA B 115 -16.45 4.20 -4.78
CA ALA B 115 -16.45 4.24 -3.30
C ALA B 115 -15.02 4.34 -2.76
N ALA B 116 -14.90 4.34 -1.44
CA ALA B 116 -13.60 4.38 -0.78
C ALA B 116 -12.91 3.03 -0.84
N LEU B 117 -12.06 2.82 -1.87
CA LEU B 117 -11.40 1.55 -2.05
C LEU B 117 -10.76 1.10 -0.76
N THR B 118 -9.87 1.93 -0.19
CA THR B 118 -9.06 1.45 0.90
C THR B 118 -9.91 1.09 2.08
N ARG B 119 -10.94 1.89 2.33
CA ARG B 119 -11.83 1.73 3.51
C ARG B 119 -12.56 0.38 3.42
N GLU B 120 -13.24 0.12 2.27
CA GLU B 120 -13.83 -1.15 1.92
C GLU B 120 -12.93 -2.40 2.01
N LYS B 121 -11.70 -2.34 1.52
CA LYS B 121 -10.84 -3.53 1.64
C LYS B 121 -10.47 -3.83 3.09
N ILE B 122 -10.23 -2.80 3.89
CA ILE B 122 -9.92 -2.99 5.30
C ILE B 122 -11.09 -3.60 6.12
N VAL B 123 -12.30 -3.10 5.91
CA VAL B 123 -13.44 -3.58 6.68
C VAL B 123 -13.76 -5.03 6.26
N ALA B 124 -13.66 -5.26 4.95
CA ALA B 124 -13.76 -6.58 4.29
C ALA B 124 -12.78 -7.67 4.75
N ALA B 125 -11.46 -7.40 4.75
CA ALA B 125 -10.43 -8.25 5.43
C ALA B 125 -10.64 -8.53 6.92
N ILE B 126 -11.27 -7.60 7.62
CA ILE B 126 -11.52 -7.76 9.05
C ILE B 126 -12.82 -8.57 9.29
N ALA B 127 -13.70 -8.67 8.32
CA ALA B 127 -14.97 -9.41 8.63
C ALA B 127 -14.87 -10.94 8.41
N ASP B 128 -15.73 -11.70 9.07
CA ASP B 128 -15.70 -13.18 8.97
C ASP B 128 -16.36 -13.69 7.69
N LYS B 129 -17.52 -13.11 7.42
CA LYS B 129 -18.23 -13.32 6.19
C LYS B 129 -18.53 -12.06 5.42
N PHE B 130 -18.57 -12.28 4.14
CA PHE B 130 -18.64 -11.23 3.20
C PHE B 130 -19.82 -11.57 2.37
N ILE B 131 -20.92 -10.87 2.63
CA ILE B 131 -22.09 -11.05 1.83
C ILE B 131 -22.09 -10.09 0.66
N CYS B 132 -22.00 -10.60 -0.57
CA CYS B 132 -22.08 -9.66 -1.72
C CYS B 132 -23.54 -9.58 -2.20
N ILE B 133 -24.14 -8.40 -2.13
CA ILE B 133 -25.48 -8.22 -2.64
C ILE B 133 -25.50 -7.41 -3.92
N VAL B 134 -26.04 -8.05 -4.96
CA VAL B 134 -25.96 -7.52 -6.31
C VAL B 134 -27.22 -7.67 -7.09
N ASP B 135 -27.27 -6.91 -8.19
CA ASP B 135 -28.31 -7.00 -9.18
C ASP B 135 -27.87 -7.99 -10.28
N GLY B 136 -28.61 -8.07 -11.38
CA GLY B 136 -28.25 -8.92 -12.50
C GLY B 136 -26.98 -8.53 -13.26
N THR B 137 -26.49 -7.31 -13.11
CA THR B 137 -25.51 -6.76 -14.03
C THR B 137 -24.02 -6.68 -13.51
N LYS B 138 -23.71 -7.35 -12.42
CA LYS B 138 -22.37 -7.32 -11.74
C LYS B 138 -21.48 -8.50 -12.06
N ALA B 139 -22.11 -9.63 -12.38
CA ALA B 139 -21.39 -10.87 -12.75
C ALA B 139 -20.79 -10.80 -14.13
N VAL B 140 -19.50 -11.15 -14.23
CA VAL B 140 -18.87 -11.16 -15.52
C VAL B 140 -18.20 -12.47 -15.81
N ASP B 141 -17.86 -12.74 -17.07
CA ASP B 141 -17.01 -13.93 -17.36
C ASP B 141 -15.58 -13.76 -16.89
N VAL B 142 -14.92 -12.72 -17.41
CA VAL B 142 -13.55 -12.44 -16.95
C VAL B 142 -13.54 -11.03 -16.41
N LEU B 143 -12.78 -10.81 -15.34
CA LEU B 143 -12.55 -9.45 -14.77
C LEU B 143 -11.79 -8.52 -15.67
N GLY B 144 -12.09 -7.21 -15.59
CA GLY B 144 -11.37 -6.21 -16.36
C GLY B 144 -12.07 -5.25 -17.34
N THR B 145 -13.28 -5.54 -17.82
CA THR B 145 -13.88 -4.50 -18.72
C THR B 145 -14.20 -3.18 -17.95
N PHE B 146 -14.83 -3.33 -16.77
CA PHE B 146 -14.99 -2.29 -15.73
C PHE B 146 -13.63 -2.02 -15.16
N PRO B 147 -13.21 -0.72 -15.11
CA PRO B 147 -11.79 -0.53 -14.94
C PRO B 147 -11.31 -0.76 -13.49
N LEU B 148 -10.05 -1.15 -13.35
CA LEU B 148 -9.58 -1.58 -12.07
C LEU B 148 -9.08 -0.30 -11.48
N PRO B 149 -9.59 0.05 -10.27
CA PRO B 149 -9.09 1.18 -9.53
C PRO B 149 -7.82 0.80 -8.75
N VAL B 150 -6.83 1.69 -8.81
CA VAL B 150 -5.59 1.55 -8.09
C VAL B 150 -5.22 2.86 -7.36
N GLU B 151 -5.29 2.83 -6.06
CA GLU B 151 -4.96 3.96 -5.27
C GLU B 151 -3.42 4.05 -5.04
N VAL B 152 -2.85 5.24 -5.28
CA VAL B 152 -1.37 5.43 -5.37
C VAL B 152 -0.89 6.67 -4.63
N ILE B 153 0.30 6.58 -4.03
CA ILE B 153 1.06 7.80 -3.53
C ILE B 153 1.25 8.78 -4.67
N PRO B 154 0.75 10.04 -4.52
CA PRO B 154 0.89 10.94 -5.73
C PRO B 154 2.27 11.03 -6.41
N MET B 155 3.34 10.98 -5.62
CA MET B 155 4.68 11.08 -6.17
C MET B 155 5.06 9.88 -7.07
N ALA B 156 4.25 8.81 -7.05
CA ALA B 156 4.48 7.49 -7.69
C ALA B 156 3.58 7.19 -8.89
N ARG B 157 2.51 7.98 -9.03
CA ARG B 157 1.57 7.92 -10.21
C ARG B 157 2.21 7.54 -11.57
N SER B 158 3.10 8.36 -12.13
CA SER B 158 3.80 8.03 -13.40
C SER B 158 4.41 6.61 -13.33
N TYR B 159 5.21 6.37 -12.29
CA TYR B 159 5.97 5.14 -12.17
C TYR B 159 5.06 3.91 -12.05
N VAL B 160 4.05 4.03 -11.18
CA VAL B 160 3.01 2.99 -11.09
C VAL B 160 2.20 2.82 -12.40
N ALA B 161 1.87 3.93 -13.09
CA ALA B 161 1.23 3.92 -14.44
C ALA B 161 2.04 3.04 -15.48
N ARG B 162 3.36 3.34 -15.59
CA ARG B 162 4.32 2.55 -16.39
C ARG B 162 4.31 1.05 -16.07
N GLN B 163 4.26 0.74 -14.79
CA GLN B 163 4.33 -0.66 -14.38
C GLN B 163 3.02 -1.33 -14.65
N LEU B 164 1.94 -0.58 -14.77
CA LEU B 164 0.61 -1.19 -15.07
C LEU B 164 0.44 -1.48 -16.57
N VAL B 165 1.17 -0.70 -17.38
CA VAL B 165 1.21 -0.78 -18.84
C VAL B 165 2.03 -2.07 -19.09
N LYS B 166 3.06 -2.22 -18.27
CA LYS B 166 3.79 -3.46 -18.17
C LYS B 166 2.96 -4.70 -17.86
N LEU B 167 1.94 -4.60 -17.04
CA LEU B 167 1.00 -5.71 -16.83
C LEU B 167 -0.16 -5.88 -17.93
N GLY B 168 -0.16 -5.12 -19.02
CA GLY B 168 -1.24 -5.24 -19.99
C GLY B 168 -2.47 -4.37 -19.70
N GLY B 169 -2.32 -3.33 -18.87
CA GLY B 169 -3.41 -2.39 -18.71
C GLY B 169 -3.15 -1.05 -19.37
N ASP B 170 -4.22 -0.26 -19.40
CA ASP B 170 -4.27 1.09 -19.88
C ASP B 170 -4.73 1.97 -18.68
N PRO B 171 -3.78 2.28 -17.76
CA PRO B 171 -4.08 3.18 -16.60
C PRO B 171 -4.53 4.61 -16.97
N CYS B 172 -5.62 5.04 -16.37
CA CYS B 172 -6.09 6.41 -16.57
C CYS B 172 -6.16 7.17 -15.23
N TYR B 173 -5.36 8.22 -15.15
CA TYR B 173 -5.35 9.13 -14.02
C TYR B 173 -6.73 9.75 -13.82
N ARG B 174 -7.33 9.44 -12.67
CA ARG B 174 -8.60 9.97 -12.31
C ARG B 174 -8.41 11.41 -11.88
N GLU B 175 -8.30 12.32 -12.85
CA GLU B 175 -7.95 13.69 -12.54
C GLU B 175 -9.05 14.47 -11.78
N GLY B 176 -8.62 15.46 -11.03
CA GLY B 176 -9.60 16.30 -10.27
C GLY B 176 -9.81 15.97 -8.81
N VAL B 177 -9.40 14.75 -8.41
CA VAL B 177 -9.72 14.24 -7.08
C VAL B 177 -8.51 13.65 -6.35
N ILE B 178 -8.71 13.34 -5.06
CA ILE B 178 -7.74 12.61 -4.23
C ILE B 178 -8.54 11.79 -3.21
N THR B 179 -7.92 10.78 -2.62
CA THR B 179 -8.67 9.99 -1.64
C THR B 179 -8.58 10.77 -0.33
N ASP B 180 -9.25 10.34 0.74
CA ASP B 180 -9.06 11.02 2.00
C ASP B 180 -7.62 10.91 2.36
N ASN B 181 -7.01 9.77 2.03
CA ASN B 181 -5.61 9.54 2.35
C ASN B 181 -4.79 10.65 1.75
N GLY B 182 -5.32 11.24 0.66
CA GLY B 182 -4.61 12.24 -0.12
C GLY B 182 -3.87 11.62 -1.29
N ASN B 183 -4.14 10.35 -1.51
CA ASN B 183 -3.64 9.60 -2.66
C ASN B 183 -4.42 9.85 -4.03
N VAL B 184 -3.82 9.47 -5.14
CA VAL B 184 -4.53 9.55 -6.45
C VAL B 184 -5.00 8.16 -6.87
N ILE B 185 -5.91 8.09 -7.83
CA ILE B 185 -6.43 6.85 -8.40
C ILE B 185 -6.08 6.71 -9.86
N LEU B 186 -5.60 5.52 -10.20
CA LEU B 186 -5.46 5.15 -11.58
C LEU B 186 -6.54 4.15 -11.87
N ASP B 187 -7.45 4.49 -12.78
CA ASP B 187 -8.38 3.45 -13.29
C ASP B 187 -7.79 2.76 -14.54
N VAL B 188 -7.61 1.44 -14.47
CA VAL B 188 -6.84 0.70 -15.49
C VAL B 188 -7.78 -0.02 -16.44
N TYR B 189 -7.79 0.39 -17.70
CA TYR B 189 -8.77 -0.18 -18.61
C TYR B 189 -8.10 -1.28 -19.38
N GLY B 190 -8.87 -2.26 -19.83
CA GLY B 190 -8.41 -3.13 -20.89
C GLY B 190 -7.50 -4.27 -20.62
N MET B 191 -7.41 -4.67 -19.34
CA MET B 191 -6.88 -5.99 -18.90
C MET B 191 -7.95 -7.06 -18.99
N LYS B 192 -7.54 -8.26 -19.38
CA LYS B 192 -8.33 -9.50 -19.29
C LYS B 192 -7.78 -10.27 -18.09
N ILE B 193 -8.51 -10.20 -16.98
CA ILE B 193 -7.92 -10.56 -15.72
C ILE B 193 -8.17 -12.04 -15.40
N THR B 194 -7.42 -12.90 -16.06
CA THR B 194 -7.64 -14.35 -15.92
C THR B 194 -7.22 -14.95 -14.58
N ASN B 195 -6.17 -14.41 -13.99
CA ASN B 195 -5.59 -14.92 -12.76
C ASN B 195 -5.68 -13.83 -11.65
N PRO B 196 -6.90 -13.57 -11.14
CA PRO B 196 -6.96 -12.42 -10.22
C PRO B 196 -6.13 -12.54 -8.90
N LYS B 197 -5.93 -13.72 -8.35
CA LYS B 197 -5.13 -13.76 -7.12
C LYS B 197 -3.70 -13.33 -7.42
N GLN B 198 -3.25 -13.65 -8.62
CA GLN B 198 -1.90 -13.36 -9.01
C GLN B 198 -1.79 -11.90 -9.46
N LEU B 199 -2.81 -11.36 -10.12
CA LEU B 199 -2.78 -9.96 -10.42
C LEU B 199 -2.63 -9.01 -9.21
N GLU B 200 -3.37 -9.28 -8.15
CA GLU B 200 -3.34 -8.55 -6.93
C GLU B 200 -2.04 -8.68 -6.23
N ASP B 201 -1.29 -9.76 -6.49
CA ASP B 201 0.06 -9.84 -5.97
C ASP B 201 0.94 -8.87 -6.76
N GLN B 202 0.89 -8.92 -8.06
CA GLN B 202 1.76 -8.05 -8.86
C GLN B 202 1.57 -6.53 -8.51
N ILE B 203 0.34 -6.06 -8.56
CA ILE B 203 0.10 -4.70 -8.31
C ILE B 203 0.45 -4.40 -6.87
N ASN B 204 -0.04 -5.24 -5.97
CA ASN B 204 0.37 -5.15 -4.60
C ASN B 204 1.89 -5.05 -4.38
N ALA B 205 2.63 -5.56 -5.36
CA ALA B 205 4.07 -5.58 -5.37
C ALA B 205 4.75 -4.28 -5.79
N ILE B 206 3.96 -3.29 -6.19
CA ILE B 206 4.50 -2.08 -6.80
C ILE B 206 4.67 -0.93 -5.80
N PRO B 207 5.92 -0.40 -5.65
CA PRO B 207 6.12 0.69 -4.70
C PRO B 207 5.30 1.86 -5.19
N GLY B 208 4.54 2.51 -4.32
CA GLY B 208 3.69 3.59 -4.75
C GLY B 208 2.25 3.22 -4.54
N VAL B 209 1.99 1.92 -4.68
CA VAL B 209 0.62 1.40 -4.63
C VAL B 209 0.10 1.26 -3.23
N VAL B 210 -0.95 1.98 -2.94
CA VAL B 210 -1.62 1.87 -1.65
C VAL B 210 -2.61 0.70 -1.57
N THR B 211 -3.48 0.57 -2.58
CA THR B 211 -4.52 -0.50 -2.62
C THR B 211 -4.94 -0.81 -4.07
N VAL B 212 -5.18 -2.06 -4.39
CA VAL B 212 -5.75 -2.40 -5.71
C VAL B 212 -7.16 -2.94 -5.45
N GLY B 213 -8.10 -2.55 -6.30
CA GLY B 213 -9.48 -2.94 -6.17
C GLY B 213 -9.78 -4.40 -6.47
N LEU B 214 -8.77 -5.21 -6.70
CA LEU B 214 -8.99 -6.67 -6.91
C LEU B 214 -9.28 -7.28 -5.55
N PHE B 215 -10.44 -7.91 -5.49
CA PHE B 215 -10.98 -8.53 -4.27
C PHE B 215 -11.03 -10.04 -4.45
N ALA B 216 -9.83 -10.57 -4.66
CA ALA B 216 -9.65 -11.91 -5.22
C ALA B 216 -9.11 -12.89 -4.18
N HIS B 217 -8.21 -12.38 -3.33
CA HIS B 217 -7.63 -13.09 -2.16
C HIS B 217 -8.61 -13.27 -1.02
N ARG B 218 -9.48 -12.28 -0.82
CA ARG B 218 -10.62 -12.31 0.12
C ARG B 218 -11.75 -11.94 -0.83
N GLY B 219 -12.48 -12.93 -1.33
CA GLY B 219 -13.66 -12.65 -2.21
C GLY B 219 -14.93 -12.68 -1.40
N ALA B 220 -16.06 -12.80 -2.08
CA ALA B 220 -17.39 -12.93 -1.46
C ALA B 220 -17.52 -14.31 -0.91
N ASP B 221 -18.06 -14.47 0.30
CA ASP B 221 -18.30 -15.83 0.84
C ASP B 221 -19.71 -16.29 0.38
N VAL B 222 -20.66 -15.37 0.37
CA VAL B 222 -22.01 -15.57 -0.11
C VAL B 222 -22.22 -14.62 -1.30
N VAL B 223 -22.87 -15.05 -2.38
CA VAL B 223 -23.23 -14.09 -3.44
C VAL B 223 -24.75 -14.00 -3.58
N ILE B 224 -25.34 -12.94 -3.04
CA ILE B 224 -26.82 -12.81 -3.08
C ILE B 224 -27.34 -11.96 -4.21
N THR B 225 -27.67 -12.55 -5.34
CA THR B 225 -28.11 -11.84 -6.54
C THR B 225 -29.63 -11.62 -6.50
N GLY B 226 -30.09 -10.51 -7.07
CA GLY B 226 -31.52 -10.17 -7.13
C GLY B 226 -32.01 -10.22 -8.56
N THR B 227 -32.84 -11.24 -8.90
CA THR B 227 -33.16 -11.61 -10.29
C THR B 227 -34.66 -11.50 -10.61
N PRO B 228 -35.05 -11.29 -11.88
CA PRO B 228 -36.48 -11.01 -12.10
C PRO B 228 -37.49 -11.81 -11.24
N GLU B 229 -37.05 -12.93 -10.68
CA GLU B 229 -37.87 -13.75 -9.77
C GLU B 229 -37.26 -13.98 -8.37
N GLY B 230 -36.89 -12.87 -7.76
CA GLY B 230 -36.54 -12.78 -6.31
C GLY B 230 -35.03 -12.72 -6.07
N ALA B 231 -34.64 -12.79 -4.81
CA ALA B 231 -33.25 -13.01 -4.48
C ALA B 231 -32.88 -14.48 -4.65
N LYS B 232 -31.77 -14.68 -5.36
CA LYS B 232 -31.13 -15.97 -5.44
C LYS B 232 -29.80 -15.82 -4.75
N ILE B 233 -29.61 -16.66 -3.74
CA ILE B 233 -28.43 -16.71 -2.90
C ILE B 233 -27.47 -17.83 -3.29
N GLU B 234 -26.18 -17.53 -3.43
CA GLU B 234 -25.13 -18.56 -3.48
C GLU B 234 -24.15 -18.48 -2.34
N GLU B 235 -23.76 -19.65 -1.88
CA GLU B 235 -23.07 -19.77 -0.61
C GLU B 235 -22.18 -20.96 -0.72
#